data_6UXM
#
_entry.id   6UXM
#
_cell.length_a   46.700
_cell.length_b   55.040
_cell.length_c   56.500
_cell.angle_alpha   116.130
_cell.angle_beta   109.670
_cell.angle_gamma   97.020
#
_symmetry.space_group_name_H-M   'P 1'
#
loop_
_entity.id
_entity.type
_entity.pdbx_description
1 polymer 'Bcl-2 homologous antagonist/killer'
2 non-polymer 1,2-dioleoyl-sn-glycero-3-phosphoethanolamine
#
_entity_poly.entity_id   1
_entity_poly.type   'polypeptide(L)'
_entity_poly.pdbx_seq_one_letter_code
;GPLGSSTMGQVGRQLAIIGDDINRRYDSEFQTMLQHLQPTAENAYEYFTKIATSLFESGINWGRVVALLGFGYRLALHVY
QHGLT
;
_entity_poly.pdbx_strand_id   A,B,C,D,E,F
#
# COMPACT_ATOMS: atom_id res chain seq x y z
N GLY A 4 22.34 -10.29 14.10
CA GLY A 4 22.10 -11.04 15.33
C GLY A 4 20.93 -11.99 15.24
N SER A 5 20.87 -12.96 16.15
CA SER A 5 19.81 -13.96 16.12
C SER A 5 18.78 -13.70 17.22
N SER A 6 19.18 -13.86 18.48
CA SER A 6 18.29 -13.54 19.59
C SER A 6 17.97 -12.04 19.65
N THR A 7 18.80 -11.22 19.02
CA THR A 7 18.57 -9.78 18.98
C THR A 7 17.21 -9.45 18.36
N MET A 8 16.84 -10.16 17.29
CA MET A 8 15.58 -9.88 16.60
C MET A 8 14.38 -10.13 17.50
N GLY A 9 14.47 -11.10 18.42
CA GLY A 9 13.37 -11.30 19.36
C GLY A 9 13.23 -10.18 20.36
N GLN A 10 14.36 -9.65 20.84
CA GLN A 10 14.33 -8.55 21.80
C GLN A 10 13.68 -7.31 21.19
N VAL A 11 14.14 -6.90 20.01
CA VAL A 11 13.56 -5.74 19.34
C VAL A 11 12.10 -6.01 19.00
N GLY A 12 11.79 -7.22 18.53
CA GLY A 12 10.41 -7.57 18.26
C GLY A 12 9.54 -7.51 19.50
N ARG A 13 10.09 -7.86 20.66
CA ARG A 13 9.32 -7.77 21.89
C ARG A 13 9.16 -6.32 22.32
N GLN A 14 10.15 -5.47 22.04
CA GLN A 14 10.01 -4.06 22.38
C GLN A 14 8.97 -3.38 21.49
N LEU A 15 8.85 -3.81 20.23
CA LEU A 15 7.78 -3.30 19.37
C LEU A 15 6.42 -3.81 19.81
N ALA A 16 6.36 -5.03 20.35
CA ALA A 16 5.10 -5.56 20.86
C ALA A 16 4.62 -4.76 22.06
N ILE A 17 5.54 -4.32 22.91
CA ILE A 17 5.18 -3.50 24.05
C ILE A 17 4.71 -2.12 23.59
N ILE A 18 5.46 -1.52 22.65
CA ILE A 18 5.08 -0.21 22.11
C ILE A 18 3.72 -0.30 21.43
N GLY A 19 3.54 -1.30 20.56
CA GLY A 19 2.28 -1.44 19.87
C GLY A 19 1.11 -1.67 20.81
N ASP A 20 1.30 -2.50 21.83
CA ASP A 20 0.24 -2.75 22.80
C ASP A 20 -0.05 -1.52 23.65
N ASP A 21 0.97 -0.69 23.91
CA ASP A 21 0.73 0.56 24.62
C ASP A 21 -0.03 1.53 23.73
N ILE A 22 0.32 1.60 22.46
CA ILE A 22 -0.42 2.44 21.50
C ILE A 22 -1.86 1.98 21.38
N ASN A 23 -2.08 0.67 21.32
CA ASN A 23 -3.41 0.14 21.02
C ASN A 23 -4.43 0.49 22.10
N ARG A 24 -3.98 0.62 23.35
CA ARG A 24 -4.87 0.92 24.47
C ARG A 24 -4.81 2.38 24.91
N ARG A 25 -3.77 3.12 24.52
CA ARG A 25 -3.61 4.50 24.96
C ARG A 25 -4.63 5.42 24.28
N TYR A 26 -4.95 5.18 23.01
CA TYR A 26 -5.82 6.05 22.22
C TYR A 26 -7.14 5.43 21.80
N ASP A 27 -7.36 4.15 22.10
CA ASP A 27 -8.58 3.50 21.64
C ASP A 27 -9.82 4.23 22.14
N SER A 28 -9.77 4.75 23.36
CA SER A 28 -10.92 5.47 23.91
C SER A 28 -11.13 6.80 23.21
N GLU A 29 -10.04 7.48 22.84
CA GLU A 29 -10.15 8.77 22.19
C GLU A 29 -10.72 8.65 20.78
N PHE A 30 -10.47 7.53 20.10
CA PHE A 30 -11.04 7.31 18.77
C PHE A 30 -12.55 7.07 18.83
N GLN A 31 -12.99 6.21 19.76
CA GLN A 31 -14.41 5.89 19.86
C GLN A 31 -15.24 7.12 20.21
N THR A 32 -14.68 8.04 20.99
CA THR A 32 -15.38 9.30 21.27
C THR A 32 -15.60 10.08 19.98
N MET A 33 -14.57 10.16 19.14
CA MET A 33 -14.69 10.83 17.85
C MET A 33 -15.77 10.20 16.99
N LEU A 34 -15.82 8.86 16.97
CA LEU A 34 -16.77 8.17 16.12
C LEU A 34 -18.20 8.37 16.60
N GLN A 35 -18.40 8.40 17.92
CA GLN A 35 -19.72 8.67 18.47
C GLN A 35 -20.15 10.10 18.17
N HIS A 36 -19.21 11.05 18.28
CA HIS A 36 -19.50 12.45 18.01
C HIS A 36 -19.75 12.70 16.52
N LEU A 37 -19.21 11.87 15.63
CA LEU A 37 -19.41 12.06 14.20
C LEU A 37 -20.59 11.29 13.65
N GLN A 38 -20.87 10.11 14.20
CA GLN A 38 -21.93 9.23 13.73
C GLN A 38 -21.81 8.95 12.22
N PRO A 39 -20.74 8.32 11.79
CA PRO A 39 -20.53 8.13 10.35
C PRO A 39 -21.30 6.95 9.80
N THR A 40 -21.69 7.07 8.54
CA THR A 40 -22.36 6.03 7.80
C THR A 40 -21.56 5.72 6.53
N ALA A 41 -22.01 4.71 5.78
CA ALA A 41 -21.35 4.38 4.54
C ALA A 41 -21.46 5.50 3.50
N GLU A 42 -22.49 6.35 3.63
CA GLU A 42 -22.74 7.41 2.66
C GLU A 42 -22.03 8.71 2.99
N ASN A 43 -21.45 8.85 4.20
CA ASN A 43 -20.69 10.04 4.53
C ASN A 43 -19.30 9.73 5.08
N ALA A 44 -18.93 8.46 5.19
CA ALA A 44 -17.63 8.12 5.77
C ALA A 44 -16.48 8.65 4.92
N TYR A 45 -16.58 8.52 3.60
CA TYR A 45 -15.50 8.99 2.72
C TYR A 45 -15.33 10.50 2.81
N GLU A 46 -16.44 11.25 2.71
CA GLU A 46 -16.35 12.70 2.81
C GLU A 46 -15.84 13.12 4.18
N TYR A 47 -16.30 12.46 5.25
CA TYR A 47 -15.77 12.73 6.58
C TYR A 47 -14.26 12.51 6.61
N PHE A 48 -13.80 11.38 6.08
CA PHE A 48 -12.39 11.03 6.18
C PHE A 48 -11.51 11.98 5.37
N THR A 49 -11.92 12.30 4.13
CA THR A 49 -11.07 13.13 3.28
C THR A 49 -10.92 14.53 3.83
N LYS A 50 -12.01 15.13 4.30
CA LYS A 50 -11.92 16.47 4.86
C LYS A 50 -11.08 16.48 6.13
N ILE A 51 -11.28 15.49 7.01
CA ILE A 51 -10.47 15.37 8.22
C ILE A 51 -9.00 15.20 7.87
N ALA A 52 -8.69 14.37 6.87
CA ALA A 52 -7.30 14.13 6.47
C ALA A 52 -6.66 15.39 5.91
N THR A 53 -7.38 16.13 5.05
CA THR A 53 -6.81 17.33 4.46
C THR A 53 -6.53 18.40 5.52
N SER A 54 -7.48 18.62 6.43
CA SER A 54 -7.27 19.63 7.47
C SER A 54 -6.17 19.20 8.45
N LEU A 55 -6.06 17.90 8.73
CA LEU A 55 -5.00 17.40 9.58
C LEU A 55 -3.63 17.65 8.96
N PHE A 56 -3.46 17.27 7.69
CA PHE A 56 -2.15 17.33 7.06
C PHE A 56 -1.78 18.74 6.62
N GLU A 57 -2.74 19.56 6.22
CA GLU A 57 -2.42 20.91 5.81
C GLU A 57 -1.98 21.79 6.98
N SER A 58 -2.23 21.35 8.22
CA SER A 58 -1.66 22.02 9.37
C SER A 58 -0.32 21.43 9.78
N GLY A 59 0.21 20.48 9.02
CA GLY A 59 1.47 19.83 9.32
C GLY A 59 1.32 18.34 9.21
N ILE A 60 2.39 17.67 8.80
CA ILE A 60 2.41 16.22 8.65
C ILE A 60 3.69 15.68 9.28
N ASN A 61 3.54 14.62 10.06
CA ASN A 61 4.66 13.85 10.59
C ASN A 61 4.20 12.41 10.70
N TRP A 62 5.13 11.52 11.04
CA TRP A 62 4.82 10.09 11.10
C TRP A 62 3.67 9.81 12.06
N GLY A 63 3.66 10.46 13.22
CA GLY A 63 2.60 10.22 14.18
C GLY A 63 1.22 10.61 13.65
N ARG A 64 1.16 11.73 12.92
CA ARG A 64 -0.12 12.16 12.38
C ARG A 64 -0.60 11.22 11.27
N VAL A 65 0.33 10.73 10.46
CA VAL A 65 -0.04 9.71 9.48
C VAL A 65 -0.59 8.48 10.21
N VAL A 66 0.08 8.07 11.29
CA VAL A 66 -0.36 6.93 12.09
C VAL A 66 -1.74 7.19 12.69
N ALA A 67 -1.94 8.38 13.28
CA ALA A 67 -3.24 8.69 13.87
C ALA A 67 -4.36 8.66 12.84
N LEU A 68 -4.07 9.10 11.62
CA LEU A 68 -5.08 9.10 10.57
C LEU A 68 -5.39 7.69 10.09
N LEU A 69 -4.34 6.85 9.93
CA LEU A 69 -4.56 5.46 9.55
C LEU A 69 -5.45 4.76 10.57
N GLY A 70 -5.15 4.94 11.86
CA GLY A 70 -5.95 4.33 12.90
C GLY A 70 -7.38 4.85 12.90
N PHE A 71 -7.54 6.15 12.69
CA PHE A 71 -8.89 6.71 12.58
C PHE A 71 -9.64 6.09 11.41
N GLY A 72 -8.98 5.99 10.25
CA GLY A 72 -9.63 5.37 9.11
C GLY A 72 -9.98 3.92 9.35
N TYR A 73 -9.12 3.19 10.07
CA TYR A 73 -9.42 1.81 10.39
C TYR A 73 -10.62 1.69 11.32
N ARG A 74 -10.64 2.50 12.39
CA ARG A 74 -11.78 2.47 13.31
C ARG A 74 -13.04 3.01 12.66
N LEU A 75 -12.90 4.03 11.81
CA LEU A 75 -14.04 4.54 11.07
C LEU A 75 -14.65 3.45 10.19
N ALA A 76 -13.80 2.65 9.54
CA ALA A 76 -14.30 1.54 8.75
C ALA A 76 -15.00 0.50 9.62
N LEU A 77 -14.40 0.16 10.78
CA LEU A 77 -15.04 -0.77 11.70
C LEU A 77 -16.38 -0.24 12.18
N HIS A 78 -16.46 1.06 12.45
CA HIS A 78 -17.70 1.64 12.94
C HIS A 78 -18.81 1.57 11.89
N VAL A 79 -18.47 1.87 10.64
CA VAL A 79 -19.48 1.85 9.58
C VAL A 79 -19.93 0.44 9.29
N TYR A 80 -19.00 -0.53 9.37
CA TYR A 80 -19.38 -1.93 9.14
C TYR A 80 -20.39 -2.40 10.18
N GLN A 81 -20.22 -1.97 11.43
CA GLN A 81 -21.11 -2.40 12.51
C GLN A 81 -22.46 -1.71 12.47
N HIS A 82 -22.71 -0.86 11.47
CA HIS A 82 -23.95 -0.11 11.35
C HIS A 82 -24.22 0.23 9.89
N SER B 6 -17.05 21.93 9.24
CA SER B 6 -16.22 22.72 10.15
C SER B 6 -15.94 21.94 11.42
N THR B 7 -16.89 21.08 11.81
CA THR B 7 -16.55 20.05 12.78
C THR B 7 -15.48 19.10 12.26
N MET B 8 -15.16 19.16 10.96
CA MET B 8 -14.05 18.38 10.45
C MET B 8 -12.71 18.91 10.97
N GLY B 9 -12.63 20.21 11.23
CA GLY B 9 -11.45 20.75 11.86
C GLY B 9 -11.31 20.31 13.32
N GLN B 10 -12.43 20.23 14.04
CA GLN B 10 -12.40 19.80 15.44
C GLN B 10 -11.84 18.39 15.57
N VAL B 11 -12.39 17.45 14.80
CA VAL B 11 -11.87 16.09 14.81
C VAL B 11 -10.43 16.08 14.29
N GLY B 12 -10.16 16.88 13.26
CA GLY B 12 -8.80 16.99 12.74
C GLY B 12 -7.81 17.52 13.76
N ARG B 13 -8.25 18.43 14.64
CA ARG B 13 -7.34 18.94 15.66
C ARG B 13 -7.05 17.90 16.73
N GLN B 14 -8.01 17.05 17.05
CA GLN B 14 -7.78 16.01 18.05
C GLN B 14 -6.82 14.94 17.52
N LEU B 15 -6.86 14.67 16.22
CA LEU B 15 -5.89 13.75 15.63
C LEU B 15 -4.50 14.35 15.60
N ALA B 16 -4.40 15.67 15.43
CA ALA B 16 -3.10 16.34 15.46
C ALA B 16 -2.45 16.20 16.83
N ILE B 17 -3.24 16.29 17.90
CA ILE B 17 -2.70 16.09 19.24
C ILE B 17 -2.27 14.64 19.43
N ILE B 18 -3.12 13.69 19.02
CA ILE B 18 -2.78 12.28 19.15
C ILE B 18 -1.52 11.96 18.37
N GLY B 19 -1.47 12.38 17.10
CA GLY B 19 -0.30 12.11 16.29
C GLY B 19 0.97 12.76 16.83
N ASP B 20 0.86 14.01 17.28
CA ASP B 20 2.04 14.67 17.84
C ASP B 20 2.47 14.01 19.14
N ASP B 21 1.52 13.49 19.92
CA ASP B 21 1.86 12.73 21.12
C ASP B 21 2.50 11.40 20.75
N ILE B 22 1.94 10.71 19.76
CA ILE B 22 2.55 9.47 19.28
C ILE B 22 3.96 9.74 18.77
N ASN B 23 4.12 10.84 18.03
CA ASN B 23 5.38 11.11 17.35
C ASN B 23 6.52 11.33 18.32
N ARG B 24 6.25 11.85 19.51
CA ARG B 24 7.29 12.15 20.50
C ARG B 24 7.40 11.11 21.60
N ARG B 25 6.36 10.30 21.81
CA ARG B 25 6.36 9.36 22.94
C ARG B 25 7.30 8.20 22.71
N TYR B 26 7.39 7.72 21.46
CA TYR B 26 8.18 6.55 21.13
C TYR B 26 9.36 6.85 20.24
N ASP B 27 9.51 8.10 19.80
CA ASP B 27 10.60 8.46 18.90
C ASP B 27 11.96 8.13 19.50
N SER B 28 12.10 8.30 20.82
CA SER B 28 13.36 7.98 21.48
C SER B 28 13.59 6.48 21.55
N GLU B 29 12.51 5.71 21.76
CA GLU B 29 12.65 4.26 21.85
C GLU B 29 13.05 3.64 20.52
N PHE B 30 12.67 4.28 19.41
CA PHE B 30 13.08 3.78 18.10
C PHE B 30 14.58 3.93 17.89
N GLN B 31 15.12 5.12 18.21
CA GLN B 31 16.53 5.38 18.01
C GLN B 31 17.41 4.48 18.89
N THR B 32 16.94 4.12 20.09
CA THR B 32 17.72 3.20 20.92
C THR B 32 17.87 1.85 20.24
N MET B 33 16.77 1.32 19.70
CA MET B 33 16.85 0.06 18.97
C MET B 33 17.77 0.19 17.75
N LEU B 34 17.74 1.34 17.07
CA LEU B 34 18.56 1.50 15.87
C LEU B 34 20.04 1.51 16.20
N GLN B 35 20.42 2.11 17.34
CA GLN B 35 21.82 2.10 17.76
C GLN B 35 22.27 0.70 18.14
N HIS B 36 21.43 -0.06 18.84
CA HIS B 36 21.78 -1.44 19.17
C HIS B 36 21.78 -2.33 17.94
N LEU B 37 21.06 -1.95 16.89
CA LEU B 37 21.05 -2.74 15.67
C LEU B 37 22.15 -2.34 14.73
N GLN B 38 22.44 -1.05 14.68
CA GLN B 38 23.44 -0.47 13.78
C GLN B 38 23.15 -0.95 12.35
N PRO B 39 22.01 -0.61 11.78
CA PRO B 39 21.64 -1.21 10.50
C PRO B 39 22.29 -0.51 9.30
N THR B 40 22.52 -1.29 8.26
CA THR B 40 23.06 -0.80 7.01
C THR B 40 22.14 -1.20 5.86
N ALA B 41 22.48 -0.74 4.66
CA ALA B 41 21.71 -1.10 3.47
C ALA B 41 21.77 -2.59 3.17
N GLU B 42 22.81 -3.28 3.64
CA GLU B 42 23.01 -4.69 3.32
C GLU B 42 22.29 -5.63 4.29
N ASN B 43 21.81 -5.12 5.42
CA ASN B 43 21.09 -5.95 6.38
C ASN B 43 19.73 -5.38 6.81
N ALA B 44 19.35 -4.21 6.29
CA ALA B 44 18.11 -3.59 6.74
C ALA B 44 16.89 -4.42 6.37
N TYR B 45 16.87 -4.97 5.15
CA TYR B 45 15.72 -5.76 4.73
C TYR B 45 15.57 -7.02 5.58
N GLU B 46 16.67 -7.77 5.76
CA GLU B 46 16.59 -9.00 6.56
C GLU B 46 16.24 -8.70 8.01
N TYR B 47 16.84 -7.66 8.59
CA TYR B 47 16.49 -7.27 9.95
C TYR B 47 15.00 -6.97 10.04
N PHE B 48 14.48 -6.18 9.10
CA PHE B 48 13.09 -5.74 9.16
C PHE B 48 12.12 -6.91 9.00
N THR B 49 12.38 -7.80 8.05
CA THR B 49 11.44 -8.86 7.73
C THR B 49 11.28 -9.85 8.90
N LYS B 50 12.39 -10.30 9.47
CA LYS B 50 12.29 -11.23 10.61
C LYS B 50 11.72 -10.55 11.85
N ILE B 51 12.13 -9.31 12.13
CA ILE B 51 11.55 -8.59 13.25
C ILE B 51 10.04 -8.49 13.08
N ALA B 52 9.59 -8.21 11.85
CA ALA B 52 8.15 -8.12 11.59
C ALA B 52 7.47 -9.46 11.82
N THR B 53 8.09 -10.55 11.35
CA THR B 53 7.49 -11.87 11.52
C THR B 53 7.41 -12.27 12.99
N SER B 54 8.48 -12.04 13.76
CA SER B 54 8.45 -12.42 15.17
C SER B 54 7.47 -11.56 15.96
N LEU B 55 7.34 -10.29 15.59
CA LEU B 55 6.35 -9.43 16.24
C LEU B 55 4.94 -9.93 15.97
N PHE B 56 4.62 -10.21 14.71
CA PHE B 56 3.26 -10.56 14.34
C PHE B 56 2.89 -11.99 14.70
N GLU B 57 3.84 -12.94 14.64
CA GLU B 57 3.51 -14.30 15.04
C GLU B 57 3.27 -14.44 16.53
N SER B 58 3.67 -13.44 17.32
CA SER B 58 3.30 -13.36 18.72
C SER B 58 2.00 -12.58 18.94
N GLY B 59 1.33 -12.18 17.87
CA GLY B 59 0.09 -11.42 17.96
C GLY B 59 0.15 -10.21 17.04
N ILE B 60 -1.00 -9.84 16.49
CA ILE B 60 -1.11 -8.67 15.62
C ILE B 60 -2.34 -7.86 16.02
N ASN B 61 -2.15 -6.56 16.14
CA ASN B 61 -3.24 -5.61 16.34
C ASN B 61 -2.82 -4.31 15.68
N TRP B 62 -3.76 -3.35 15.60
CA TRP B 62 -3.48 -2.11 14.89
C TRP B 62 -2.27 -1.39 15.49
N GLY B 63 -2.17 -1.37 16.82
CA GLY B 63 -1.05 -0.71 17.46
C GLY B 63 0.29 -1.34 17.10
N ARG B 64 0.33 -2.67 16.99
CA ARG B 64 1.56 -3.33 16.60
C ARG B 64 1.89 -3.03 15.15
N VAL B 65 0.88 -2.97 14.28
CA VAL B 65 1.11 -2.55 12.90
C VAL B 65 1.70 -1.14 12.88
N VAL B 66 1.12 -0.25 13.68
CA VAL B 66 1.63 1.12 13.78
C VAL B 66 3.08 1.13 14.26
N ALA B 67 3.37 0.35 15.31
CA ALA B 67 4.73 0.33 15.85
C ALA B 67 5.72 -0.18 14.82
N LEU B 68 5.31 -1.16 14.00
CA LEU B 68 6.21 -1.68 12.98
C LEU B 68 6.40 -0.68 11.85
N LEU B 69 5.31 -0.02 11.43
CA LEU B 69 5.42 1.01 10.41
C LEU B 69 6.38 2.10 10.84
N GLY B 70 6.24 2.58 12.08
CA GLY B 70 7.14 3.61 12.58
C GLY B 70 8.57 3.12 12.65
N PHE B 71 8.77 1.87 13.09
CA PHE B 71 10.11 1.30 13.12
C PHE B 71 10.71 1.23 11.73
N GLY B 72 9.92 0.76 10.76
CA GLY B 72 10.41 0.70 9.39
C GLY B 72 10.73 2.07 8.82
N TYR B 73 9.93 3.08 9.17
CA TYR B 73 10.20 4.43 8.69
C TYR B 73 11.52 4.95 9.26
N ARG B 74 11.72 4.81 10.57
CA ARG B 74 12.97 5.25 11.17
C ARG B 74 14.15 4.41 10.69
N LEU B 75 13.92 3.11 10.46
CA LEU B 75 14.98 2.27 9.93
C LEU B 75 15.42 2.73 8.55
N ALA B 76 14.46 3.14 7.71
CA ALA B 76 14.80 3.68 6.39
C ALA B 76 15.57 4.99 6.52
N LEU B 77 15.14 5.88 7.42
CA LEU B 77 15.88 7.13 7.63
C LEU B 77 17.30 6.84 8.11
N HIS B 78 17.45 5.84 8.97
CA HIS B 78 18.77 5.50 9.51
C HIS B 78 19.69 5.00 8.39
N VAL B 79 19.17 4.14 7.51
CA VAL B 79 19.99 3.59 6.45
C VAL B 79 20.34 4.64 5.41
N TYR B 80 19.41 5.54 5.11
CA TYR B 80 19.70 6.59 4.13
C TYR B 80 20.81 7.50 4.62
N GLN B 81 20.80 7.84 5.90
CA GLN B 81 21.80 8.73 6.47
C GLN B 81 23.12 8.02 6.79
N HIS B 82 23.21 6.72 6.52
CA HIS B 82 24.40 5.92 6.84
C HIS B 82 24.48 4.71 5.91
N GLY C 4 16.07 -22.82 -14.46
CA GLY C 4 15.66 -23.14 -13.10
C GLY C 4 15.78 -21.96 -12.15
N SER C 5 15.78 -22.25 -10.84
CA SER C 5 15.91 -21.20 -9.85
C SER C 5 17.32 -20.62 -9.77
N SER C 6 18.27 -21.13 -10.56
CA SER C 6 19.58 -20.49 -10.64
C SER C 6 19.47 -19.13 -11.33
N THR C 7 18.81 -19.10 -12.49
CA THR C 7 18.56 -17.83 -13.18
C THR C 7 17.61 -16.94 -12.41
N MET C 8 17.00 -17.43 -11.34
CA MET C 8 16.27 -16.54 -10.44
C MET C 8 17.20 -15.56 -9.75
N GLY C 9 18.47 -15.94 -9.60
CA GLY C 9 19.46 -15.01 -9.10
C GLY C 9 19.98 -14.06 -10.15
N GLN C 10 19.98 -14.48 -11.42
CA GLN C 10 20.38 -13.58 -12.50
C GLN C 10 19.43 -12.39 -12.62
N VAL C 11 18.13 -12.67 -12.69
CA VAL C 11 17.15 -11.60 -12.76
C VAL C 11 17.20 -10.74 -11.51
N GLY C 12 17.49 -11.34 -10.35
CA GLY C 12 17.68 -10.56 -9.15
C GLY C 12 18.93 -9.71 -9.21
N ARG C 13 20.01 -10.25 -9.77
CA ARG C 13 21.24 -9.48 -9.91
C ARG C 13 21.12 -8.40 -10.99
N GLN C 14 20.33 -8.67 -12.03
CA GLN C 14 20.08 -7.64 -13.04
C GLN C 14 19.25 -6.50 -12.48
N LEU C 15 18.23 -6.83 -11.68
CA LEU C 15 17.45 -5.79 -11.03
C LEU C 15 18.31 -4.99 -10.06
N ALA C 16 19.24 -5.66 -9.38
CA ALA C 16 20.16 -4.96 -8.48
C ALA C 16 21.02 -3.96 -9.25
N ILE C 17 21.48 -4.35 -10.43
CA ILE C 17 22.24 -3.44 -11.28
C ILE C 17 21.35 -2.30 -11.76
N ILE C 18 20.14 -2.64 -12.23
CA ILE C 18 19.19 -1.61 -12.65
C ILE C 18 18.83 -0.70 -11.48
N GLY C 19 18.54 -1.29 -10.32
CA GLY C 19 18.17 -0.48 -9.17
C GLY C 19 19.30 0.42 -8.70
N ASP C 20 20.54 -0.07 -8.74
CA ASP C 20 21.67 0.74 -8.32
C ASP C 20 21.91 1.90 -9.29
N ASP C 21 21.60 1.71 -10.57
CA ASP C 21 21.72 2.79 -11.53
C ASP C 21 20.65 3.85 -11.29
N ILE C 22 19.43 3.43 -10.94
CA ILE C 22 18.36 4.37 -10.63
C ILE C 22 18.69 5.16 -9.37
N ASN C 23 19.30 4.50 -8.38
CA ASN C 23 19.51 5.13 -7.07
C ASN C 23 20.51 6.27 -7.13
N ARG C 24 21.34 6.35 -8.17
CA ARG C 24 22.35 7.39 -8.28
C ARG C 24 22.20 8.28 -9.50
N ARG C 25 21.44 7.87 -10.51
CA ARG C 25 21.31 8.67 -11.73
C ARG C 25 20.56 9.96 -11.47
N TYR C 26 19.42 9.87 -10.78
CA TYR C 26 18.59 11.03 -10.46
C TYR C 26 18.74 11.46 -9.01
N ASP C 27 19.61 10.80 -8.24
CA ASP C 27 19.85 11.20 -6.86
C ASP C 27 20.34 12.64 -6.77
N SER C 28 21.02 13.13 -7.81
CA SER C 28 21.48 14.51 -7.83
C SER C 28 20.34 15.47 -8.13
N GLU C 29 19.50 15.15 -9.11
CA GLU C 29 18.39 16.04 -9.46
C GLU C 29 17.35 16.11 -8.34
N PHE C 30 17.21 15.02 -7.57
CA PHE C 30 16.36 15.09 -6.37
C PHE C 30 16.91 16.10 -5.38
N GLN C 31 18.23 16.18 -5.25
CA GLN C 31 18.84 17.13 -4.32
C GLN C 31 18.53 18.57 -4.72
N THR C 32 18.59 18.88 -6.01
CA THR C 32 18.34 20.25 -6.46
C THR C 32 16.91 20.67 -6.21
N MET C 33 15.94 19.78 -6.49
CA MET C 33 14.54 20.16 -6.31
C MET C 33 14.24 20.51 -4.87
N LEU C 34 14.74 19.71 -3.92
CA LEU C 34 14.40 19.92 -2.52
C LEU C 34 15.09 21.16 -1.96
N GLN C 35 16.32 21.43 -2.39
CA GLN C 35 16.99 22.65 -1.98
C GLN C 35 16.28 23.89 -2.52
N HIS C 36 15.80 23.82 -3.76
CA HIS C 36 14.99 24.90 -4.31
C HIS C 36 13.59 24.93 -3.70
N LEU C 37 13.13 23.82 -3.13
CA LEU C 37 11.83 23.77 -2.50
C LEU C 37 11.89 24.16 -1.03
N GLN C 38 12.94 23.75 -0.33
CA GLN C 38 13.13 24.00 1.10
C GLN C 38 11.86 23.65 1.89
N PRO C 39 11.40 22.41 1.82
CA PRO C 39 10.11 22.06 2.42
C PRO C 39 10.22 21.87 3.92
N THR C 40 9.06 21.97 4.58
CA THR C 40 8.94 21.85 6.02
C THR C 40 7.76 20.93 6.34
N ALA C 41 7.57 20.65 7.63
CA ALA C 41 6.48 19.78 8.03
C ALA C 41 5.11 20.39 7.76
N GLU C 42 5.02 21.72 7.67
CA GLU C 42 3.74 22.40 7.53
C GLU C 42 3.36 22.67 6.09
N ASN C 43 4.26 22.46 5.14
CA ASN C 43 3.94 22.61 3.72
C ASN C 43 4.25 21.37 2.91
N ALA C 44 4.78 20.31 3.53
CA ALA C 44 5.20 19.12 2.79
C ALA C 44 4.03 18.47 2.09
N TYR C 45 2.92 18.29 2.80
CA TYR C 45 1.76 17.63 2.20
C TYR C 45 1.20 18.45 1.05
N GLU C 46 1.03 19.75 1.25
CA GLU C 46 0.50 20.60 0.19
C GLU C 46 1.43 20.63 -1.02
N TYR C 47 2.74 20.74 -0.78
CA TYR C 47 3.70 20.73 -1.89
C TYR C 47 3.61 19.43 -2.68
N PHE C 48 3.55 18.29 -1.99
CA PHE C 48 3.55 17.01 -2.68
C PHE C 48 2.27 16.78 -3.47
N THR C 49 1.11 17.08 -2.87
CA THR C 49 -0.16 16.86 -3.57
C THR C 49 -0.27 17.70 -4.83
N LYS C 50 0.14 18.97 -4.77
CA LYS C 50 0.04 19.83 -5.94
C LYS C 50 1.04 19.44 -7.01
N ILE C 51 2.25 19.04 -6.60
CA ILE C 51 3.23 18.55 -7.56
C ILE C 51 2.76 17.26 -8.21
N ALA C 52 2.15 16.38 -7.42
CA ALA C 52 1.66 15.12 -7.97
C ALA C 52 0.56 15.35 -8.99
N THR C 53 -0.38 16.25 -8.69
CA THR C 53 -1.47 16.55 -9.63
C THR C 53 -0.94 17.14 -10.92
N SER C 54 -0.07 18.16 -10.83
CA SER C 54 0.43 18.81 -12.02
C SER C 54 1.29 17.86 -12.85
N LEU C 55 1.96 16.91 -12.20
CA LEU C 55 2.72 15.90 -12.92
C LEU C 55 1.79 14.97 -13.68
N PHE C 56 0.86 14.32 -12.96
CA PHE C 56 0.07 13.24 -13.56
C PHE C 56 -0.97 13.75 -14.54
N GLU C 57 -1.52 14.94 -14.32
CA GLU C 57 -2.53 15.46 -15.24
C GLU C 57 -1.94 15.91 -16.58
N SER C 58 -0.62 15.95 -16.71
CA SER C 58 0.03 16.12 -18.00
C SER C 58 0.47 14.79 -18.60
N GLY C 59 0.13 13.67 -17.96
CA GLY C 59 0.51 12.35 -18.43
C GLY C 59 1.02 11.47 -17.30
N ILE C 60 0.70 10.18 -17.34
CA ILE C 60 1.11 9.26 -16.28
C ILE C 60 1.59 7.95 -16.92
N ASN C 61 2.78 7.51 -16.52
CA ASN C 61 3.30 6.20 -16.87
C ASN C 61 4.06 5.67 -15.66
N TRP C 62 4.50 4.41 -15.74
CA TRP C 62 5.21 3.81 -14.62
C TRP C 62 6.39 4.66 -14.18
N GLY C 63 7.16 5.18 -15.14
CA GLY C 63 8.33 5.97 -14.80
C GLY C 63 7.99 7.22 -14.00
N ARG C 64 6.89 7.89 -14.37
CA ARG C 64 6.48 9.08 -13.64
C ARG C 64 6.00 8.73 -12.24
N VAL C 65 5.21 7.66 -12.12
CA VAL C 65 4.81 7.14 -10.81
C VAL C 65 6.03 6.93 -9.93
N VAL C 66 7.02 6.20 -10.46
CA VAL C 66 8.23 5.91 -9.71
C VAL C 66 8.98 7.19 -9.33
N ALA C 67 9.02 8.17 -10.23
CA ALA C 67 9.73 9.42 -9.92
C ALA C 67 9.04 10.17 -8.80
N LEU C 68 7.71 10.22 -8.81
CA LEU C 68 6.97 10.84 -7.71
C LEU C 68 7.23 10.10 -6.41
N LEU C 69 7.32 8.76 -6.48
CA LEU C 69 7.64 7.98 -5.28
C LEU C 69 9.02 8.35 -4.74
N GLY C 70 10.01 8.43 -5.62
CA GLY C 70 11.32 8.87 -5.21
C GLY C 70 11.31 10.29 -4.69
N PHE C 71 10.56 11.17 -5.36
CA PHE C 71 10.40 12.54 -4.87
C PHE C 71 9.79 12.55 -3.47
N GLY C 72 8.68 11.84 -3.30
CA GLY C 72 8.04 11.77 -1.99
C GLY C 72 8.93 11.17 -0.93
N TYR C 73 9.73 10.16 -1.29
CA TYR C 73 10.65 9.58 -0.34
C TYR C 73 11.72 10.57 0.09
N ARG C 74 12.42 11.18 -0.87
CA ARG C 74 13.45 12.15 -0.52
C ARG C 74 12.83 13.38 0.15
N LEU C 75 11.63 13.76 -0.27
CA LEU C 75 10.94 14.88 0.36
C LEU C 75 10.70 14.61 1.85
N ALA C 76 10.46 13.35 2.21
CA ALA C 76 10.30 13.00 3.62
C ALA C 76 11.64 12.99 4.33
N LEU C 77 12.69 12.49 3.68
CA LEU C 77 14.02 12.50 4.28
C LEU C 77 14.49 13.93 4.54
N HIS C 78 14.21 14.83 3.60
CA HIS C 78 14.65 16.21 3.74
C HIS C 78 13.96 16.89 4.92
N VAL C 79 12.66 16.66 5.08
CA VAL C 79 11.93 17.29 6.17
C VAL C 79 12.42 16.80 7.51
N TYR C 80 12.56 15.48 7.66
CA TYR C 80 13.02 14.92 8.93
C TYR C 80 14.38 15.45 9.32
N GLN C 81 15.29 15.60 8.35
CA GLN C 81 16.63 16.11 8.60
C GLN C 81 16.66 17.59 8.93
N HIS C 82 15.51 18.24 9.06
CA HIS C 82 15.46 19.66 9.36
C HIS C 82 14.32 19.99 10.33
N SER D 6 4.39 29.35 -8.67
CA SER D 6 4.40 28.89 -10.05
C SER D 6 5.40 27.75 -10.25
N THR D 7 6.49 27.77 -9.47
CA THR D 7 7.57 26.81 -9.61
C THR D 7 7.11 25.41 -9.23
N MET D 8 5.87 25.29 -8.74
CA MET D 8 5.32 23.99 -8.46
C MET D 8 5.13 23.20 -9.76
N GLY D 9 4.85 23.89 -10.85
CA GLY D 9 4.85 23.25 -12.16
C GLY D 9 6.24 22.90 -12.62
N GLN D 10 7.22 23.75 -12.30
CA GLN D 10 8.61 23.49 -12.68
C GLN D 10 9.11 22.19 -12.07
N VAL D 11 8.91 22.01 -10.76
CA VAL D 11 9.31 20.76 -10.12
C VAL D 11 8.55 19.59 -10.74
N GLY D 12 7.25 19.78 -10.99
CA GLY D 12 6.48 18.76 -11.68
C GLY D 12 7.00 18.49 -13.07
N ARG D 13 7.48 19.54 -13.76
CA ARG D 13 8.04 19.35 -15.09
C ARG D 13 9.41 18.68 -15.03
N GLN D 14 10.18 18.91 -13.97
CA GLN D 14 11.46 18.20 -13.81
C GLN D 14 11.23 16.73 -13.51
N LEU D 15 10.17 16.42 -12.76
CA LEU D 15 9.82 15.03 -12.49
C LEU D 15 9.28 14.34 -13.74
N ALA D 16 8.58 15.08 -14.61
CA ALA D 16 8.09 14.49 -15.85
C ALA D 16 9.23 14.06 -16.76
N ILE D 17 10.30 14.87 -16.81
CA ILE D 17 11.46 14.51 -17.62
C ILE D 17 12.16 13.30 -17.02
N ILE D 18 12.39 13.32 -15.70
CA ILE D 18 13.01 12.19 -15.02
C ILE D 18 12.17 10.93 -15.19
N GLY D 19 10.86 11.05 -14.94
CA GLY D 19 9.98 9.90 -15.09
C GLY D 19 9.94 9.36 -16.50
N ASP D 20 9.94 10.25 -17.49
CA ASP D 20 9.93 9.81 -18.89
C ASP D 20 11.23 9.12 -19.28
N ASP D 21 12.36 9.55 -18.70
CA ASP D 21 13.63 8.86 -18.97
C ASP D 21 13.64 7.49 -18.30
N ILE D 22 13.14 7.40 -17.07
CA ILE D 22 13.03 6.12 -16.39
C ILE D 22 12.17 5.17 -17.21
N ASN D 23 11.07 5.68 -17.77
CA ASN D 23 10.12 4.83 -18.46
C ASN D 23 10.72 4.17 -19.69
N ARG D 24 11.67 4.84 -20.34
CA ARG D 24 12.28 4.31 -21.55
C ARG D 24 13.65 3.68 -21.31
N ARG D 25 14.32 4.02 -20.21
CA ARG D 25 15.69 3.55 -20.03
C ARG D 25 15.73 2.06 -19.67
N TYR D 26 14.77 1.60 -18.88
CA TYR D 26 14.78 0.22 -18.38
C TYR D 26 13.64 -0.61 -18.94
N ASP D 27 12.74 -0.02 -19.73
CA ASP D 27 11.60 -0.75 -20.26
C ASP D 27 12.05 -1.93 -21.11
N SER D 28 13.15 -1.76 -21.86
CA SER D 28 13.64 -2.85 -22.70
C SER D 28 14.25 -3.96 -21.86
N GLU D 29 14.96 -3.61 -20.80
CA GLU D 29 15.58 -4.62 -19.95
C GLU D 29 14.53 -5.40 -19.16
N PHE D 30 13.38 -4.78 -18.88
CA PHE D 30 12.29 -5.51 -18.22
C PHE D 30 11.71 -6.57 -19.16
N GLN D 31 11.44 -6.20 -20.41
CA GLN D 31 10.87 -7.16 -21.35
C GLN D 31 11.86 -8.29 -21.65
N THR D 32 13.15 -7.99 -21.67
CA THR D 32 14.16 -9.04 -21.88
C THR D 32 14.13 -10.06 -20.75
N MET D 33 14.10 -9.59 -19.50
CA MET D 33 14.01 -10.51 -18.37
C MET D 33 12.75 -11.36 -18.45
N LEU D 34 11.65 -10.77 -18.89
CA LEU D 34 10.39 -11.51 -18.99
C LEU D 34 10.47 -12.59 -20.06
N GLN D 35 11.15 -12.30 -21.18
CA GLN D 35 11.32 -13.31 -22.22
C GLN D 35 12.19 -14.46 -21.74
N HIS D 36 13.28 -14.15 -21.03
CA HIS D 36 14.13 -15.19 -20.46
C HIS D 36 13.45 -15.92 -19.30
N LEU D 37 12.46 -15.30 -18.67
CA LEU D 37 11.79 -15.94 -17.55
C LEU D 37 10.58 -16.76 -17.98
N GLN D 38 9.85 -16.29 -18.99
CA GLN D 38 8.64 -16.92 -19.49
C GLN D 38 7.62 -17.22 -18.38
N PRO D 39 7.12 -16.18 -17.70
CA PRO D 39 6.22 -16.41 -16.56
C PRO D 39 4.78 -16.61 -16.98
N THR D 40 4.07 -17.38 -16.15
CA THR D 40 2.64 -17.64 -16.32
C THR D 40 1.90 -17.23 -15.05
N ALA D 41 0.57 -17.34 -15.08
CA ALA D 41 -0.23 -17.02 -13.92
C ALA D 41 0.02 -17.96 -12.76
N GLU D 42 0.49 -19.19 -13.02
CA GLU D 42 0.68 -20.19 -11.99
C GLU D 42 2.06 -20.13 -11.34
N ASN D 43 2.99 -19.36 -11.90
CA ASN D 43 4.31 -19.21 -11.30
C ASN D 43 4.73 -17.75 -11.12
N ALA D 44 3.88 -16.80 -11.49
CA ALA D 44 4.27 -15.39 -11.42
C ALA D 44 4.52 -14.97 -9.97
N TYR D 45 3.67 -15.38 -9.04
CA TYR D 45 3.84 -15.02 -7.64
C TYR D 45 5.12 -15.63 -7.07
N GLU D 46 5.32 -16.93 -7.27
CA GLU D 46 6.50 -17.59 -6.74
C GLU D 46 7.77 -17.04 -7.38
N TYR D 47 7.76 -16.80 -8.69
CA TYR D 47 8.89 -16.16 -9.34
C TYR D 47 9.18 -14.79 -8.71
N PHE D 48 8.13 -13.99 -8.52
CA PHE D 48 8.31 -12.63 -8.01
C PHE D 48 8.87 -12.64 -6.59
N THR D 49 8.33 -13.51 -5.72
CA THR D 49 8.78 -13.53 -4.33
C THR D 49 10.24 -13.95 -4.24
N LYS D 50 10.61 -14.99 -5.00
CA LYS D 50 11.99 -15.46 -4.98
C LYS D 50 12.94 -14.41 -5.54
N ILE D 51 12.56 -13.79 -6.66
CA ILE D 51 13.36 -12.71 -7.24
C ILE D 51 13.50 -11.56 -6.25
N ALA D 52 12.39 -11.17 -5.61
CA ALA D 52 12.43 -10.05 -4.67
C ALA D 52 13.30 -10.38 -3.46
N THR D 53 13.17 -11.59 -2.92
CA THR D 53 13.96 -11.96 -1.75
C THR D 53 15.45 -11.95 -2.06
N SER D 54 15.85 -12.51 -3.20
CA SER D 54 17.26 -12.51 -3.56
C SER D 54 17.75 -11.11 -3.88
N LEU D 55 16.90 -10.26 -4.46
CA LEU D 55 17.29 -8.89 -4.74
C LEU D 55 17.58 -8.12 -3.46
N PHE D 56 16.67 -8.19 -2.50
CA PHE D 56 16.79 -7.37 -1.29
C PHE D 56 17.79 -7.93 -0.28
N GLU D 57 17.94 -9.26 -0.20
CA GLU D 57 18.88 -9.82 0.75
C GLU D 57 20.33 -9.51 0.40
N SER D 58 20.60 -9.07 -0.82
CA SER D 58 21.92 -8.54 -1.16
C SER D 58 22.01 -7.03 -0.94
N GLY D 59 20.97 -6.42 -0.38
CA GLY D 59 20.93 -4.98 -0.15
C GLY D 59 19.64 -4.41 -0.67
N ILE D 60 19.16 -3.36 0.00
CA ILE D 60 17.93 -2.67 -0.39
C ILE D 60 18.17 -1.17 -0.38
N ASN D 61 17.72 -0.50 -1.42
CA ASN D 61 17.71 0.96 -1.49
C ASN D 61 16.51 1.37 -2.34
N TRP D 62 16.26 2.67 -2.39
CA TRP D 62 15.06 3.16 -3.09
C TRP D 62 15.07 2.71 -4.55
N GLY D 63 16.23 2.75 -5.20
CA GLY D 63 16.30 2.33 -6.59
C GLY D 63 15.93 0.87 -6.79
N ARG D 64 16.34 0.01 -5.86
CA ARG D 64 16.01 -1.41 -5.97
C ARG D 64 14.53 -1.66 -5.75
N VAL D 65 13.92 -0.96 -4.79
CA VAL D 65 12.47 -1.05 -4.62
C VAL D 65 11.76 -0.60 -5.89
N VAL D 66 12.22 0.50 -6.47
CA VAL D 66 11.65 0.99 -7.72
C VAL D 66 11.79 -0.03 -8.83
N ALA D 67 12.99 -0.61 -8.97
CA ALA D 67 13.22 -1.60 -10.01
C ALA D 67 12.31 -2.81 -9.82
N LEU D 68 12.07 -3.21 -8.57
CA LEU D 68 11.21 -4.36 -8.30
C LEU D 68 9.75 -4.05 -8.59
N LEU D 69 9.29 -2.85 -8.22
CA LEU D 69 7.92 -2.43 -8.55
C LEU D 69 7.71 -2.45 -10.06
N GLY D 70 8.65 -1.89 -10.83
CA GLY D 70 8.52 -1.90 -12.27
C GLY D 70 8.57 -3.31 -12.85
N PHE D 71 9.46 -4.14 -12.33
CA PHE D 71 9.48 -5.53 -12.77
C PHE D 71 8.16 -6.20 -12.43
N GLY D 72 7.65 -5.96 -11.22
CA GLY D 72 6.35 -6.50 -10.86
C GLY D 72 5.22 -5.97 -11.74
N TYR D 73 5.29 -4.70 -12.12
CA TYR D 73 4.28 -4.13 -13.01
C TYR D 73 4.34 -4.77 -14.39
N ARG D 74 5.54 -4.87 -14.98
CA ARG D 74 5.66 -5.47 -16.30
C ARG D 74 5.34 -6.95 -16.26
N LEU D 75 5.72 -7.64 -15.18
CA LEU D 75 5.39 -9.05 -15.02
C LEU D 75 3.89 -9.26 -14.99
N ALA D 76 3.15 -8.38 -14.31
CA ALA D 76 1.69 -8.48 -14.30
C ALA D 76 1.11 -8.25 -15.69
N LEU D 77 1.59 -7.25 -16.41
CA LEU D 77 1.13 -7.02 -17.78
C LEU D 77 1.46 -8.21 -18.68
N HIS D 78 2.63 -8.83 -18.46
CA HIS D 78 3.02 -9.95 -19.30
C HIS D 78 2.07 -11.13 -19.12
N VAL D 79 1.68 -11.41 -17.87
CA VAL D 79 0.80 -12.54 -17.59
C VAL D 79 -0.60 -12.28 -18.12
N TYR D 80 -1.07 -11.04 -18.03
CA TYR D 80 -2.40 -10.71 -18.54
C TYR D 80 -2.51 -10.96 -20.04
N GLN D 81 -1.47 -10.65 -20.79
CA GLN D 81 -1.45 -10.79 -22.24
C GLN D 81 -1.26 -12.23 -22.70
N HIS D 82 -1.25 -13.19 -21.78
CA HIS D 82 -1.01 -14.59 -22.11
C HIS D 82 -1.73 -15.48 -21.11
N GLY E 4 -6.50 -28.36 11.08
CA GLY E 4 -5.92 -27.05 10.97
C GLY E 4 -5.52 -26.68 9.55
N SER E 5 -4.57 -27.44 8.99
CA SER E 5 -4.08 -27.16 7.65
C SER E 5 -5.04 -27.69 6.58
N SER E 6 -5.84 -28.70 6.90
CA SER E 6 -6.80 -29.23 5.93
C SER E 6 -7.83 -28.19 5.56
N THR E 7 -8.59 -27.71 6.55
CA THR E 7 -9.54 -26.62 6.32
C THR E 7 -8.83 -25.37 5.80
N MET E 8 -7.65 -25.07 6.33
CA MET E 8 -6.92 -23.93 5.82
C MET E 8 -6.53 -24.12 4.35
N GLY E 9 -6.30 -25.36 3.93
CA GLY E 9 -6.15 -25.62 2.51
C GLY E 9 -7.47 -25.44 1.78
N GLN E 10 -8.57 -25.81 2.44
CA GLN E 10 -9.90 -25.59 1.89
C GLN E 10 -10.17 -24.10 1.69
N VAL E 11 -9.86 -23.28 2.70
CA VAL E 11 -10.09 -21.85 2.59
C VAL E 11 -9.31 -21.26 1.43
N GLY E 12 -8.06 -21.71 1.25
CA GLY E 12 -7.29 -21.25 0.11
C GLY E 12 -7.92 -21.68 -1.22
N ARG E 13 -8.48 -22.89 -1.25
CA ARG E 13 -9.16 -23.36 -2.45
C ARG E 13 -10.52 -22.70 -2.62
N GLN E 14 -11.21 -22.40 -1.51
CA GLN E 14 -12.50 -21.72 -1.61
C GLN E 14 -12.33 -20.28 -2.10
N LEU E 15 -11.22 -19.62 -1.73
CA LEU E 15 -10.91 -18.29 -2.24
C LEU E 15 -10.53 -18.32 -3.72
N ALA E 16 -9.90 -19.41 -4.17
CA ALA E 16 -9.56 -19.52 -5.58
C ALA E 16 -10.81 -19.58 -6.45
N ILE E 17 -11.85 -20.26 -5.97
CA ILE E 17 -13.12 -20.31 -6.70
C ILE E 17 -13.79 -18.94 -6.70
N ILE E 18 -13.80 -18.29 -5.53
CA ILE E 18 -14.38 -16.95 -5.42
C ILE E 18 -13.64 -15.98 -6.33
N GLY E 19 -12.30 -16.00 -6.27
CA GLY E 19 -11.53 -15.10 -7.12
C GLY E 19 -11.77 -15.34 -8.59
N ASP E 20 -11.87 -16.60 -9.00
CA ASP E 20 -12.10 -16.92 -10.40
C ASP E 20 -13.49 -16.49 -10.85
N ASP E 21 -14.48 -16.53 -9.95
CA ASP E 21 -15.80 -16.03 -10.32
C ASP E 21 -15.78 -14.51 -10.46
N ILE E 22 -15.11 -13.81 -9.55
CA ILE E 22 -14.98 -12.36 -9.67
C ILE E 22 -14.29 -12.00 -10.97
N ASN E 23 -13.21 -12.71 -11.31
CA ASN E 23 -12.41 -12.35 -12.46
C ASN E 23 -13.19 -12.49 -13.77
N ARG E 24 -14.15 -13.41 -13.82
CA ARG E 24 -14.92 -13.63 -15.03
C ARG E 24 -16.29 -12.96 -15.02
N ARG E 25 -16.81 -12.63 -13.84
CA ARG E 25 -18.17 -12.10 -13.76
C ARG E 25 -18.24 -10.65 -14.25
N TYR E 26 -17.22 -9.86 -13.97
CA TYR E 26 -17.24 -8.44 -14.27
C TYR E 26 -16.20 -8.02 -15.29
N ASP E 27 -15.34 -8.93 -15.75
CA ASP E 27 -14.27 -8.57 -16.67
C ASP E 27 -14.82 -7.96 -17.95
N SER E 28 -15.96 -8.44 -18.43
CA SER E 28 -16.53 -7.89 -19.65
C SER E 28 -17.08 -6.49 -19.43
N GLU E 29 -17.68 -6.23 -18.27
CA GLU E 29 -18.21 -4.90 -17.99
C GLU E 29 -17.08 -3.89 -17.79
N PHE E 30 -15.92 -4.32 -17.32
CA PHE E 30 -14.78 -3.41 -17.22
C PHE E 30 -14.33 -2.99 -18.61
N GLN E 31 -14.18 -3.95 -19.53
CA GLN E 31 -13.74 -3.61 -20.87
C GLN E 31 -14.77 -2.73 -21.58
N THR E 32 -16.05 -2.93 -21.30
CA THR E 32 -17.09 -2.07 -21.89
C THR E 32 -16.93 -0.62 -21.44
N MET E 33 -16.73 -0.40 -20.14
CA MET E 33 -16.54 0.97 -19.65
C MET E 33 -15.31 1.61 -20.27
N LEU E 34 -14.21 0.85 -20.41
CA LEU E 34 -13.00 1.42 -21.00
C LEU E 34 -13.21 1.72 -22.49
N GLN E 35 -13.98 0.89 -23.20
CA GLN E 35 -14.25 1.19 -24.59
C GLN E 35 -15.07 2.46 -24.73
N HIS E 36 -16.07 2.64 -23.85
CA HIS E 36 -16.87 3.86 -23.87
C HIS E 36 -16.07 5.08 -23.42
N LEU E 37 -14.97 4.89 -22.69
CA LEU E 37 -14.15 5.99 -22.20
C LEU E 37 -13.04 6.41 -23.15
N GLN E 38 -12.40 5.46 -23.84
CA GLN E 38 -11.29 5.76 -24.74
C GLN E 38 -10.21 6.59 -24.03
N PRO E 39 -9.61 6.04 -22.96
CA PRO E 39 -8.64 6.81 -22.19
C PRO E 39 -7.25 6.78 -22.82
N THR E 40 -6.52 7.85 -22.59
CA THR E 40 -5.13 7.97 -23.03
C THR E 40 -4.24 8.26 -21.82
N ALA E 41 -2.93 8.31 -22.06
CA ALA E 41 -1.99 8.60 -20.99
C ALA E 41 -2.17 10.01 -20.42
N GLU E 42 -2.74 10.92 -21.19
CA GLU E 42 -2.88 12.31 -20.77
C GLU E 42 -4.16 12.58 -19.99
N ASN E 43 -5.11 11.65 -19.98
CA ASN E 43 -6.34 11.82 -19.22
C ASN E 43 -6.68 10.66 -18.29
N ALA E 44 -5.85 9.60 -18.24
CA ALA E 44 -6.20 8.44 -17.44
C ALA E 44 -6.25 8.77 -15.95
N TYR E 45 -5.28 9.55 -15.47
CA TYR E 45 -5.28 9.93 -14.06
C TYR E 45 -6.50 10.80 -13.74
N GLU E 46 -6.78 11.79 -14.59
CA GLU E 46 -7.93 12.66 -14.37
C GLU E 46 -9.23 11.86 -14.42
N TYR E 47 -9.35 10.94 -15.39
CA TYR E 47 -10.50 10.06 -15.46
C TYR E 47 -10.67 9.24 -14.18
N PHE E 48 -9.58 8.63 -13.71
CA PHE E 48 -9.66 7.74 -12.56
C PHE E 48 -10.05 8.49 -11.28
N THR E 49 -9.43 9.65 -11.04
CA THR E 49 -9.69 10.38 -9.81
C THR E 49 -11.11 10.90 -9.75
N LYS E 50 -11.62 11.45 -10.85
CA LYS E 50 -13.00 11.95 -10.87
C LYS E 50 -13.98 10.81 -10.69
N ILE E 51 -13.77 9.69 -11.39
CA ILE E 51 -14.62 8.52 -11.20
C ILE E 51 -14.54 8.03 -9.76
N ALA E 52 -13.34 8.01 -9.19
CA ALA E 52 -13.17 7.56 -7.81
C ALA E 52 -13.89 8.48 -6.84
N THR E 53 -13.79 9.79 -7.05
CA THR E 53 -14.45 10.73 -6.15
C THR E 53 -15.97 10.58 -6.22
N SER E 54 -16.52 10.45 -7.42
CA SER E 54 -17.97 10.33 -7.57
C SER E 54 -18.49 9.00 -7.01
N LEU E 55 -17.73 7.92 -7.16
CA LEU E 55 -18.16 6.63 -6.63
C LEU E 55 -18.26 6.66 -5.11
N PHE E 56 -17.20 7.12 -4.44
CA PHE E 56 -17.14 7.03 -2.98
C PHE E 56 -18.03 8.06 -2.30
N GLU E 57 -18.20 9.24 -2.91
CA GLU E 57 -19.07 10.24 -2.30
C GLU E 57 -20.54 9.84 -2.35
N SER E 58 -20.90 8.84 -3.15
CA SER E 58 -22.23 8.24 -3.11
C SER E 58 -22.30 7.05 -2.17
N GLY E 59 -21.23 6.78 -1.44
CA GLY E 59 -21.17 5.65 -0.53
C GLY E 59 -19.88 4.90 -0.77
N ILE E 60 -19.34 4.31 0.30
CA ILE E 60 -18.12 3.53 0.23
C ILE E 60 -18.32 2.23 0.99
N ASN E 61 -17.93 1.12 0.37
CA ASN E 61 -17.90 -0.17 1.03
C ASN E 61 -16.78 -0.99 0.39
N TRP E 62 -16.52 -2.17 0.97
CA TRP E 62 -15.42 -3.00 0.49
C TRP E 62 -15.58 -3.36 -1.00
N GLY E 63 -16.80 -3.68 -1.43
CA GLY E 63 -17.00 -4.01 -2.82
C GLY E 63 -16.68 -2.85 -3.75
N ARG E 64 -17.03 -1.63 -3.34
CA ARG E 64 -16.75 -0.47 -4.17
C ARG E 64 -15.26 -0.19 -4.26
N VAL E 65 -14.54 -0.37 -3.15
CA VAL E 65 -13.08 -0.23 -3.18
C VAL E 65 -12.47 -1.24 -4.15
N VAL E 66 -12.94 -2.49 -4.08
CA VAL E 66 -12.47 -3.54 -4.98
C VAL E 66 -12.76 -3.17 -6.43
N ALA E 67 -13.99 -2.73 -6.71
CA ALA E 67 -14.35 -2.38 -8.08
C ALA E 67 -13.46 -1.27 -8.63
N LEU E 68 -13.08 -0.32 -7.78
CA LEU E 68 -12.21 0.76 -8.21
C LEU E 68 -10.80 0.27 -8.45
N LEU E 69 -10.30 -0.63 -7.58
CA LEU E 69 -8.98 -1.22 -7.79
C LEU E 69 -8.92 -1.95 -9.13
N GLY E 70 -9.92 -2.79 -9.40
CA GLY E 70 -9.94 -3.50 -10.67
C GLY E 70 -10.10 -2.58 -11.87
N PHE E 71 -10.96 -1.58 -11.74
CA PHE E 71 -11.10 -0.60 -12.82
C PHE E 71 -9.80 0.13 -13.08
N GLY E 72 -9.13 0.59 -12.02
CA GLY E 72 -7.83 1.21 -12.19
C GLY E 72 -6.82 0.26 -12.77
N TYR E 73 -6.91 -1.02 -12.39
CA TYR E 73 -6.00 -2.03 -12.94
C TYR E 73 -6.23 -2.22 -14.43
N ARG E 74 -7.49 -2.37 -14.86
CA ARG E 74 -7.79 -2.53 -16.27
C ARG E 74 -7.49 -1.25 -17.04
N LEU E 75 -7.77 -0.09 -16.43
CA LEU E 75 -7.47 1.18 -17.06
C LEU E 75 -5.98 1.33 -17.36
N ALA E 76 -5.13 0.87 -16.43
CA ALA E 76 -3.69 0.88 -16.67
C ALA E 76 -3.34 -0.05 -17.83
N LEU E 77 -3.96 -1.23 -17.89
CA LEU E 77 -3.72 -2.15 -19.00
C LEU E 77 -4.10 -1.51 -20.33
N HIS E 78 -5.18 -0.73 -20.35
CA HIS E 78 -5.65 -0.13 -21.58
C HIS E 78 -4.66 0.90 -22.12
N VAL E 79 -4.11 1.75 -21.24
CA VAL E 79 -3.20 2.80 -21.69
C VAL E 79 -1.87 2.21 -22.17
N TYR E 80 -1.40 1.15 -21.51
CA TYR E 80 -0.13 0.55 -21.89
C TYR E 80 -0.18 0.00 -23.31
N GLN E 81 -1.31 -0.59 -23.71
CA GLN E 81 -1.38 -1.25 -25.00
C GLN E 81 -1.51 -0.28 -26.17
N HIS E 82 -1.67 1.02 -25.92
CA HIS E 82 -1.77 2.03 -26.99
C HIS E 82 -1.83 3.43 -26.39
N THR F 7 -22.86 9.92 -19.21
CA THR F 7 -21.51 10.41 -19.44
C THR F 7 -20.51 9.73 -18.50
N MET F 8 -19.60 10.52 -17.93
CA MET F 8 -18.66 9.99 -16.95
C MET F 8 -19.34 9.55 -15.67
N GLY F 9 -20.48 10.16 -15.33
CA GLY F 9 -21.24 9.70 -14.18
C GLY F 9 -21.75 8.30 -14.35
N GLN F 10 -22.07 7.90 -15.59
CA GLN F 10 -22.52 6.54 -15.85
C GLN F 10 -21.48 5.52 -15.41
N VAL F 11 -20.22 5.73 -15.80
CA VAL F 11 -19.16 4.79 -15.42
C VAL F 11 -19.00 4.75 -13.91
N GLY F 12 -19.04 5.90 -13.24
CA GLY F 12 -19.01 5.92 -11.79
C GLY F 12 -20.20 5.23 -11.18
N ARG F 13 -21.37 5.38 -11.81
CA ARG F 13 -22.57 4.70 -11.32
C ARG F 13 -22.53 3.21 -11.65
N GLN F 14 -21.90 2.84 -12.76
CA GLN F 14 -21.76 1.43 -13.11
C GLN F 14 -20.83 0.69 -12.16
N LEU F 15 -19.79 1.37 -11.65
CA LEU F 15 -18.93 0.73 -10.64
C LEU F 15 -19.64 0.58 -9.31
N ALA F 16 -20.53 1.51 -8.96
CA ALA F 16 -21.27 1.40 -7.71
C ALA F 16 -22.18 0.18 -7.73
N ILE F 17 -22.76 -0.12 -8.89
CA ILE F 17 -23.57 -1.33 -9.02
C ILE F 17 -22.70 -2.57 -8.93
N ILE F 18 -21.57 -2.55 -9.63
CA ILE F 18 -20.62 -3.67 -9.57
C ILE F 18 -20.11 -3.85 -8.14
N GLY F 19 -19.73 -2.75 -7.50
CA GLY F 19 -19.24 -2.82 -6.13
C GLY F 19 -20.29 -3.37 -5.17
N ASP F 20 -21.55 -2.96 -5.35
CA ASP F 20 -22.61 -3.44 -4.48
C ASP F 20 -22.89 -4.93 -4.69
N ASP F 21 -22.73 -5.43 -5.92
CA ASP F 21 -22.92 -6.86 -6.15
C ASP F 21 -21.79 -7.67 -5.53
N ILE F 22 -20.55 -7.20 -5.65
CA ILE F 22 -19.43 -7.88 -5.01
C ILE F 22 -19.61 -7.92 -3.51
N ASN F 23 -20.08 -6.81 -2.92
CA ASN F 23 -20.17 -6.71 -1.47
C ASN F 23 -21.19 -7.69 -0.89
N ARG F 24 -22.21 -8.06 -1.66
CA ARG F 24 -23.27 -8.95 -1.18
C ARG F 24 -23.11 -10.40 -1.63
N ARG F 25 -22.36 -10.64 -2.70
CA ARG F 25 -22.30 -11.98 -3.29
C ARG F 25 -21.47 -12.95 -2.45
N TYR F 26 -20.39 -12.48 -1.84
CA TYR F 26 -19.47 -13.37 -1.15
C TYR F 26 -19.42 -13.15 0.36
N ASP F 27 -20.16 -12.17 0.88
CA ASP F 27 -20.11 -11.90 2.31
C ASP F 27 -20.49 -13.13 3.12
N SER F 28 -21.44 -13.93 2.62
CA SER F 28 -21.85 -15.13 3.35
C SER F 28 -20.77 -16.20 3.32
N GLU F 29 -20.07 -16.34 2.18
CA GLU F 29 -19.01 -17.35 2.12
C GLU F 29 -17.81 -16.97 2.98
N PHE F 30 -17.58 -15.67 3.18
CA PHE F 30 -16.50 -15.24 4.05
C PHE F 30 -16.77 -15.60 5.51
N GLN F 31 -17.99 -15.34 5.97
CA GLN F 31 -18.33 -15.64 7.37
C GLN F 31 -18.27 -17.14 7.63
N THR F 32 -18.60 -17.96 6.63
CA THR F 32 -18.47 -19.41 6.80
C THR F 32 -17.02 -19.81 7.00
N MET F 33 -16.11 -19.26 6.17
CA MET F 33 -14.70 -19.56 6.32
C MET F 33 -14.17 -19.15 7.69
N LEU F 34 -14.63 -18.01 8.20
CA LEU F 34 -14.14 -17.55 9.50
C LEU F 34 -14.59 -18.48 10.63
N GLN F 35 -15.79 -19.03 10.52
CA GLN F 35 -16.24 -20.01 11.50
C GLN F 35 -15.41 -21.28 11.43
N HIS F 36 -15.09 -21.75 10.22
CA HIS F 36 -14.26 -22.94 10.07
C HIS F 36 -12.82 -22.69 10.49
N LEU F 37 -12.36 -21.44 10.49
CA LEU F 37 -11.00 -21.13 10.90
C LEU F 37 -10.90 -20.83 12.38
N GLN F 38 -11.92 -20.20 12.96
CA GLN F 38 -11.92 -19.79 14.35
C GLN F 38 -10.65 -18.98 14.65
N PRO F 39 -10.48 -17.84 13.99
CA PRO F 39 -9.22 -17.09 14.13
C PRO F 39 -9.21 -16.20 15.36
N THR F 40 -8.01 -16.03 15.89
CA THR F 40 -7.75 -15.12 17.01
C THR F 40 -6.65 -14.16 16.59
N ALA F 41 -6.36 -13.19 17.46
CA ALA F 41 -5.28 -12.25 17.18
C ALA F 41 -3.92 -12.93 17.15
N GLU F 42 -3.78 -14.09 17.78
CA GLU F 42 -2.51 -14.79 17.89
C GLU F 42 -2.23 -15.73 16.72
N ASN F 43 -3.22 -16.00 15.87
CA ASN F 43 -3.00 -16.84 14.69
C ASN F 43 -3.49 -16.21 13.40
N ALA F 44 -4.08 -15.01 13.45
CA ALA F 44 -4.65 -14.42 12.24
C ALA F 44 -3.59 -14.13 11.20
N TYR F 45 -2.44 -13.59 11.62
CA TYR F 45 -1.36 -13.30 10.69
C TYR F 45 -0.84 -14.59 10.06
N GLU F 46 -0.56 -15.60 10.89
CA GLU F 46 -0.06 -16.87 10.37
C GLU F 46 -1.08 -17.52 9.44
N TYR F 47 -2.36 -17.50 9.83
CA TYR F 47 -3.42 -18.00 8.94
C TYR F 47 -3.44 -17.24 7.62
N PHE F 48 -3.39 -15.91 7.68
CA PHE F 48 -3.54 -15.11 6.46
C PHE F 48 -2.39 -15.34 5.49
N THR F 49 -1.16 -15.36 6.01
CA THR F 49 0.01 -15.52 5.13
C THR F 49 0.00 -16.88 4.46
N LYS F 50 -0.29 -17.95 5.23
CA LYS F 50 -0.33 -19.29 4.66
C LYS F 50 -1.47 -19.42 3.67
N ILE F 51 -2.66 -18.91 4.00
CA ILE F 51 -3.75 -18.92 3.05
C ILE F 51 -3.39 -18.17 1.78
N ALA F 52 -2.76 -16.99 1.93
CA ALA F 52 -2.38 -16.21 0.75
C ALA F 52 -1.33 -16.94 -0.08
N THR F 53 -0.33 -17.50 0.59
CA THR F 53 0.75 -18.18 -0.13
C THR F 53 0.21 -19.39 -0.89
N SER F 54 -0.64 -20.20 -0.25
CA SER F 54 -1.17 -21.38 -0.95
C SER F 54 -2.12 -20.97 -2.08
N LEU F 55 -2.88 -19.90 -1.89
CA LEU F 55 -3.76 -19.41 -2.96
C LEU F 55 -2.94 -18.93 -4.16
N PHE F 56 -1.93 -18.11 -3.92
CA PHE F 56 -1.19 -17.50 -5.03
C PHE F 56 -0.23 -18.48 -5.69
N GLU F 57 0.33 -19.42 -4.92
CA GLU F 57 1.23 -20.41 -5.50
C GLU F 57 0.50 -21.38 -6.42
N SER F 58 -0.83 -21.45 -6.34
CA SER F 58 -1.63 -22.16 -7.32
C SER F 58 -2.11 -21.28 -8.46
N GLY F 59 -1.68 -20.02 -8.50
CA GLY F 59 -2.10 -19.08 -9.52
C GLY F 59 -2.53 -17.77 -8.90
N ILE F 60 -2.30 -16.67 -9.63
CA ILE F 60 -2.66 -15.34 -9.16
C ILE F 60 -3.33 -14.59 -10.31
N ASN F 61 -4.46 -13.95 -10.00
CA ASN F 61 -5.12 -13.04 -10.93
C ASN F 61 -5.81 -11.95 -10.10
N TRP F 62 -6.36 -10.96 -10.79
CA TRP F 62 -6.96 -9.83 -10.08
C TRP F 62 -8.07 -10.27 -9.15
N GLY F 63 -8.91 -11.21 -9.60
CA GLY F 63 -9.98 -11.69 -8.75
C GLY F 63 -9.48 -12.36 -7.49
N ARG F 64 -8.38 -13.12 -7.60
CA ARG F 64 -7.83 -13.80 -6.43
C ARG F 64 -7.22 -12.81 -5.45
N VAL F 65 -6.54 -11.78 -5.96
CA VAL F 65 -6.05 -10.72 -5.09
C VAL F 65 -7.22 -10.05 -4.39
N VAL F 66 -8.28 -9.77 -5.13
CA VAL F 66 -9.48 -9.16 -4.56
C VAL F 66 -10.09 -10.07 -3.49
N ALA F 67 -10.20 -11.36 -3.79
CA ALA F 67 -10.76 -12.28 -2.81
C ALA F 67 -9.93 -12.31 -1.55
N LEU F 68 -8.60 -12.20 -1.68
CA LEU F 68 -7.74 -12.20 -0.51
C LEU F 68 -7.85 -10.89 0.26
N LEU F 69 -7.93 -9.77 -0.47
CA LEU F 69 -8.14 -8.48 0.18
C LEU F 69 -9.42 -8.47 1.00
N GLY F 70 -10.52 -8.93 0.40
CA GLY F 70 -11.78 -9.00 1.12
C GLY F 70 -11.73 -9.95 2.28
N PHE F 71 -11.10 -11.11 2.07
CA PHE F 71 -10.94 -12.07 3.16
C PHE F 71 -10.11 -11.48 4.30
N GLY F 72 -9.01 -10.81 3.96
CA GLY F 72 -8.19 -10.17 4.99
C GLY F 72 -8.94 -9.09 5.73
N TYR F 73 -9.79 -8.35 5.02
CA TYR F 73 -10.60 -7.32 5.66
C TYR F 73 -11.60 -7.95 6.63
N ARG F 74 -12.28 -9.01 6.20
CA ARG F 74 -13.23 -9.67 7.11
C ARG F 74 -12.53 -10.33 8.28
N LEU F 75 -11.34 -10.90 8.04
CA LEU F 75 -10.58 -11.51 9.13
C LEU F 75 -10.22 -10.46 10.18
N ALA F 76 -9.85 -9.26 9.74
CA ALA F 76 -9.56 -8.18 10.68
C ALA F 76 -10.81 -7.78 11.45
N LEU F 77 -11.96 -7.65 10.77
CA LEU F 77 -13.20 -7.34 11.48
C LEU F 77 -13.55 -8.42 12.48
N HIS F 78 -13.33 -9.68 12.10
CA HIS F 78 -13.67 -10.79 12.97
C HIS F 78 -12.84 -10.77 14.24
N VAL F 79 -11.54 -10.51 14.12
CA VAL F 79 -10.66 -10.53 15.28
C VAL F 79 -10.97 -9.34 16.18
N TYR F 80 -11.26 -8.19 15.58
CA TYR F 80 -11.61 -7.02 16.39
C TYR F 80 -12.92 -7.22 17.15
N GLN F 81 -13.93 -7.80 16.50
CA GLN F 81 -15.25 -8.01 17.08
C GLN F 81 -15.35 -9.24 17.97
N HIS F 82 -14.28 -10.01 18.14
CA HIS F 82 -14.39 -11.26 18.91
C HIS F 82 -13.10 -11.64 19.63
N GLY F 83 -12.03 -10.86 19.52
CA GLY F 83 -10.82 -11.19 20.24
C GLY F 83 -11.03 -11.11 21.73
N LEU F 84 -10.25 -11.91 22.47
CA LEU F 84 -10.31 -11.99 23.93
C LEU F 84 -8.92 -11.70 24.47
N THR F 85 -8.54 -10.42 24.46
CA THR F 85 -7.23 -10.00 24.94
C THR F 85 -7.04 -10.33 26.41
#